data_5DJE
#
_entry.id   5DJE
#
_cell.length_a   60.480
_cell.length_b   70.260
_cell.length_c   95.350
_cell.angle_alpha   90.00
_cell.angle_beta   90.00
_cell.angle_gamma   90.00
#
_symmetry.space_group_name_H-M   'P 21 21 21'
#
loop_
_entity.id
_entity.type
_entity.pdbx_description
1 polymer Zuotin
2 non-polymer DI(HYDROXYETHYL)ETHER
3 non-polymer 2-[BIS-(2-HYDROXY-ETHYL)-AMINO]-2-HYDROXYMETHYL-PROPANE-1,3-DIOL
4 non-polymer 1,2-ETHANEDIOL
5 water water
#
_entity_poly.entity_id   1
_entity_poly.type   'polypeptide(L)'
_entity_poly.pdbx_seq_one_letter_code
;GSSCDFVADVPPPKKGTDYDFYEAWGPVFEAEARFSKKTPIPSLGN(MSE)DSSKKEVEQFYAFWHRFDSWRTFEFLDED
VPDDSSNRDHKRYIERKNKAARDKKKTAD(MSE)ARLVKLVERAVSEDPRIK(MSE)FKEEEKKEKERRKWE
;
_entity_poly.pdbx_strand_id   A,B
#
# COMPACT_ATOMS: atom_id res chain seq x y z
N PHE A 6 0.21 10.94 -20.00
CA PHE A 6 -0.27 11.70 -18.86
C PHE A 6 -1.66 11.15 -18.48
N VAL A 7 -2.35 11.83 -17.54
CA VAL A 7 -3.73 11.51 -17.15
C VAL A 7 -4.72 12.36 -17.94
N ALA A 8 -5.65 11.70 -18.64
CA ALA A 8 -6.62 12.38 -19.50
C ALA A 8 -7.84 12.91 -18.71
N ASP A 9 -8.44 14.00 -19.19
CA ASP A 9 -9.60 14.63 -18.54
C ASP A 9 -10.92 14.39 -19.31
N VAL A 10 -11.98 14.12 -18.55
CA VAL A 10 -13.29 13.84 -19.11
C VAL A 10 -14.25 14.88 -18.57
N PRO A 11 -14.80 15.72 -19.46
CA PRO A 11 -15.71 16.76 -18.98
C PRO A 11 -17.04 16.15 -18.52
N PRO A 12 -17.75 16.86 -17.66
CA PRO A 12 -19.07 16.36 -17.27
C PRO A 12 -20.02 16.27 -18.43
N PRO A 13 -21.01 15.43 -18.31
CA PRO A 13 -21.99 15.40 -19.40
C PRO A 13 -22.75 16.71 -19.55
N LYS A 14 -23.16 16.98 -20.77
CA LYS A 14 -23.73 18.29 -21.10
C LYS A 14 -25.06 18.50 -20.39
N LYS A 15 -25.10 19.47 -19.48
CA LYS A 15 -26.30 19.74 -18.71
C LYS A 15 -27.46 19.92 -19.66
N GLY A 16 -28.58 19.30 -19.36
CA GLY A 16 -29.77 19.44 -20.17
C GLY A 16 -29.96 18.48 -21.32
N THR A 17 -28.99 17.59 -21.56
CA THR A 17 -29.19 16.52 -22.54
C THR A 17 -29.71 15.25 -21.85
N ASP A 18 -30.17 14.29 -22.65
CA ASP A 18 -30.59 12.99 -22.11
C ASP A 18 -29.45 11.96 -22.19
N TYR A 19 -29.20 11.26 -21.10
CA TYR A 19 -28.14 10.27 -21.02
C TYR A 19 -28.39 9.35 -19.83
N ASP A 20 -27.83 8.16 -19.90
CA ASP A 20 -27.83 7.26 -18.75
C ASP A 20 -26.86 7.78 -17.68
N PHE A 21 -27.31 7.80 -16.43
CA PHE A 21 -26.52 8.39 -15.36
C PHE A 21 -25.14 7.77 -15.19
N TYR A 22 -25.08 6.45 -15.27
CA TYR A 22 -23.83 5.73 -15.13
C TYR A 22 -22.94 5.84 -16.36
N GLU A 23 -23.54 5.79 -17.55
CA GLU A 23 -22.76 5.84 -18.78
C GLU A 23 -22.07 7.21 -18.85
N ALA A 24 -22.75 8.22 -18.33
CA ALA A 24 -22.26 9.59 -18.42
C ALA A 24 -21.28 9.92 -17.31
N TRP A 25 -21.64 9.59 -16.08
CA TRP A 25 -20.82 9.99 -14.94
C TRP A 25 -19.73 9.01 -14.54
N GLY A 26 -19.90 7.74 -14.87
CA GLY A 26 -18.86 6.78 -14.56
C GLY A 26 -17.48 7.18 -15.05
N PRO A 27 -17.39 7.54 -16.33
CA PRO A 27 -16.11 7.92 -16.95
C PRO A 27 -15.54 9.23 -16.42
N VAL A 28 -16.41 10.14 -15.99
CA VAL A 28 -16.01 11.38 -15.33
C VAL A 28 -15.33 11.10 -14.00
N PHE A 29 -15.97 10.34 -13.14
CA PHE A 29 -15.34 10.09 -11.85
C PHE A 29 -14.10 9.22 -11.99
N GLU A 30 -14.11 8.31 -12.97
CA GLU A 30 -12.97 7.44 -13.16
C GLU A 30 -11.74 8.32 -13.48
N ALA A 31 -11.94 9.28 -14.36
CA ALA A 31 -10.86 10.16 -14.77
C ALA A 31 -10.44 11.10 -13.63
N GLU A 32 -11.39 11.72 -12.93
CA GLU A 32 -11.04 12.61 -11.83
C GLU A 32 -10.29 11.86 -10.73
N ALA A 33 -10.65 10.61 -10.52
CA ALA A 33 -10.11 9.85 -9.39
C ALA A 33 -8.65 9.46 -9.61
N ARG A 34 -8.14 9.53 -10.84
CA ARG A 34 -6.73 9.17 -11.06
C ARG A 34 -5.83 10.14 -10.29
N PHE A 35 -6.35 11.34 -9.98
CA PHE A 35 -5.62 12.31 -9.16
C PHE A 35 -5.83 12.17 -7.64
N SER A 36 -6.38 11.06 -7.20
CA SER A 36 -6.58 10.89 -5.76
C SER A 36 -5.27 10.57 -5.04
N LYS A 37 -5.02 11.23 -3.92
CA LYS A 37 -3.93 10.84 -3.06
C LYS A 37 -4.33 9.73 -2.10
N LYS A 38 -5.62 9.37 -2.07
CA LYS A 38 -6.14 8.34 -1.18
C LYS A 38 -6.66 7.11 -1.93
N THR A 39 -6.38 5.93 -1.38
CA THR A 39 -6.91 4.65 -1.85
C THR A 39 -7.42 3.91 -0.62
N PRO A 40 -8.33 2.97 -0.81
CA PRO A 40 -8.95 2.55 -2.06
C PRO A 40 -9.94 3.59 -2.60
N ILE A 41 -10.20 3.51 -3.89
CA ILE A 41 -10.99 4.49 -4.61
C ILE A 41 -12.31 3.81 -4.96
N PRO A 42 -13.40 4.25 -4.35
CA PRO A 42 -14.68 3.60 -4.65
C PRO A 42 -15.21 3.99 -6.02
N SER A 43 -15.98 3.07 -6.60
CA SER A 43 -16.60 3.25 -7.92
C SER A 43 -17.98 3.91 -7.75
N LEU A 44 -18.38 4.71 -8.73
CA LEU A 44 -19.75 5.22 -8.79
C LEU A 44 -20.79 4.10 -8.58
N GLY A 45 -20.46 2.91 -9.02
CA GLY A 45 -21.32 1.76 -8.78
C GLY A 45 -22.38 1.54 -9.85
N ASN A 46 -23.36 0.73 -9.48
CA ASN A 46 -24.38 0.20 -10.37
C ASN A 46 -25.77 0.56 -9.84
N ASP A 48 -27.99 -1.12 -8.60
CA ASP A 48 -28.37 -1.82 -7.37
C ASP A 48 -27.40 -1.61 -6.20
N SER A 49 -26.52 -0.61 -6.28
CA SER A 49 -25.60 -0.37 -5.17
C SER A 49 -26.42 0.00 -3.95
N SER A 50 -25.98 -0.47 -2.79
CA SER A 50 -26.74 -0.25 -1.56
C SER A 50 -26.60 1.21 -1.14
N LYS A 51 -27.54 1.65 -0.32
CA LYS A 51 -27.50 3.03 0.17
C LYS A 51 -26.16 3.28 0.86
N LYS A 52 -25.67 2.30 1.62
CA LYS A 52 -24.39 2.48 2.32
C LYS A 52 -23.20 2.61 1.34
N GLU A 53 -23.22 1.85 0.26
CA GLU A 53 -22.19 1.97 -0.76
C GLU A 53 -22.22 3.34 -1.44
N VAL A 54 -23.43 3.80 -1.72
CA VAL A 54 -23.58 5.10 -2.37
C VAL A 54 -23.16 6.23 -1.41
N GLU A 55 -23.56 6.16 -0.14
CA GLU A 55 -23.07 7.09 0.89
C GLU A 55 -21.55 7.09 0.98
N GLN A 56 -20.94 5.91 0.92
CA GLN A 56 -19.48 5.80 1.00
C GLN A 56 -18.82 6.41 -0.22
N PHE A 57 -19.43 6.23 -1.39
CA PHE A 57 -18.87 6.77 -2.61
C PHE A 57 -18.84 8.30 -2.54
N TYR A 58 -19.97 8.91 -2.22
CA TYR A 58 -20.00 10.36 -2.19
C TYR A 58 -19.21 10.92 -1.00
N ALA A 59 -19.08 10.16 0.09
CA ALA A 59 -18.22 10.59 1.19
C ALA A 59 -16.74 10.74 0.75
N PHE A 60 -16.23 9.77 -0.02
CA PHE A 60 -14.90 9.82 -0.58
C PHE A 60 -14.72 11.10 -1.37
N TRP A 61 -15.71 11.45 -2.18
CA TRP A 61 -15.55 12.65 -3.01
C TRP A 61 -15.70 13.90 -2.18
N HIS A 62 -16.55 13.87 -1.16
CA HIS A 62 -16.69 15.05 -0.32
C HIS A 62 -15.39 15.34 0.41
N ARG A 63 -14.52 14.32 0.56
CA ARG A 63 -13.21 14.47 1.19
C ARG A 63 -12.04 14.31 0.20
N PHE A 64 -12.30 14.55 -1.07
CA PHE A 64 -11.27 14.31 -2.09
C PHE A 64 -10.00 15.12 -1.83
N ASP A 65 -8.86 14.45 -2.01
CA ASP A 65 -7.56 15.12 -1.86
C ASP A 65 -6.72 14.84 -3.11
N SER A 66 -6.56 15.86 -3.96
CA SER A 66 -5.93 15.71 -5.26
C SER A 66 -4.42 16.04 -5.30
N TRP A 67 -3.65 15.30 -6.11
CA TRP A 67 -2.26 15.65 -6.38
C TRP A 67 -2.11 16.38 -7.71
N ARG A 68 -3.22 16.83 -8.26
CA ARG A 68 -3.17 17.50 -9.53
C ARG A 68 -2.31 18.74 -9.35
N THR A 69 -1.39 18.97 -10.27
CA THR A 69 -0.49 20.10 -10.18
C THR A 69 -0.94 21.13 -11.16
N PHE A 70 -0.62 22.34 -10.78
CA PHE A 70 -0.90 23.50 -11.57
C PHE A 70 0.36 24.28 -11.79
N GLU A 71 1.43 23.58 -12.15
CA GLU A 71 2.75 24.15 -12.14
C GLU A 71 3.14 24.67 -13.51
N PHE A 72 2.17 24.74 -14.44
CA PHE A 72 2.50 25.14 -15.80
C PHE A 72 2.94 26.60 -15.88
N LEU A 73 2.40 27.44 -15.00
CA LEU A 73 2.73 28.86 -15.01
C LEU A 73 3.81 29.25 -13.98
N ASP A 74 4.52 28.26 -13.45
CA ASP A 74 5.66 28.52 -12.58
C ASP A 74 6.67 29.42 -13.32
N GLU A 75 7.14 30.45 -12.65
CA GLU A 75 8.33 31.17 -13.09
C GLU A 75 9.54 30.29 -12.80
N ASP A 76 10.62 30.47 -13.56
CA ASP A 76 11.88 29.75 -13.31
C ASP A 76 12.49 30.26 -12.00
N VAL A 77 12.88 29.32 -11.15
CA VAL A 77 13.50 29.66 -9.88
C VAL A 77 15.02 29.57 -10.02
N PRO A 78 15.74 30.72 -9.90
CA PRO A 78 17.20 30.68 -10.07
C PRO A 78 17.90 30.09 -8.86
N ASP A 79 18.95 29.31 -9.11
CA ASP A 79 19.75 28.73 -8.04
C ASP A 79 21.03 29.54 -7.83
N ASP A 80 21.29 30.47 -8.72
CA ASP A 80 22.56 31.21 -8.74
C ASP A 80 22.42 32.73 -8.54
N SER A 81 21.31 33.19 -7.96
CA SER A 81 21.14 34.64 -7.85
C SER A 81 22.03 35.22 -6.77
N SER A 82 22.56 36.42 -7.00
CA SER A 82 23.34 37.11 -5.97
C SER A 82 22.47 37.72 -4.86
N ASN A 83 21.18 37.88 -5.12
CA ASN A 83 20.22 38.28 -4.09
CA ASN A 83 20.24 38.29 -4.10
C ASN A 83 19.83 37.03 -3.31
N ARG A 84 20.25 36.97 -2.07
CA ARG A 84 20.03 35.75 -1.28
C ARG A 84 18.57 35.40 -1.08
N ASP A 85 17.68 36.38 -1.13
CA ASP A 85 16.26 36.14 -0.95
C ASP A 85 15.50 35.68 -2.21
N HIS A 86 16.16 35.75 -3.35
CA HIS A 86 15.50 35.58 -4.64
C HIS A 86 14.84 34.22 -4.81
N LYS A 87 15.57 33.18 -4.44
CA LYS A 87 15.09 31.83 -4.69
C LYS A 87 13.81 31.54 -3.92
N ARG A 88 13.83 31.82 -2.64
CA ARG A 88 12.63 31.56 -1.82
C ARG A 88 11.48 32.45 -2.23
N TYR A 89 11.78 33.69 -2.64
CA TYR A 89 10.74 34.61 -3.09
C TYR A 89 9.98 34.08 -4.28
N ILE A 90 10.68 33.63 -5.30
CA ILE A 90 9.98 33.12 -6.47
C ILE A 90 9.28 31.77 -6.15
N GLU A 91 9.87 30.94 -5.29
CA GLU A 91 9.18 29.73 -4.86
C GLU A 91 7.84 30.06 -4.19
N ARG A 92 7.84 31.09 -3.35
CA ARG A 92 6.63 31.47 -2.65
C ARG A 92 5.62 32.11 -3.58
N LYS A 93 6.09 32.90 -4.54
CA LYS A 93 5.20 33.52 -5.53
C LYS A 93 4.58 32.45 -6.41
N ASN A 94 5.39 31.51 -6.88
CA ASN A 94 4.84 30.38 -7.63
C ASN A 94 3.81 29.60 -6.84
N LYS A 95 4.13 29.29 -5.59
CA LYS A 95 3.24 28.47 -4.79
C LYS A 95 1.92 29.19 -4.56
N ALA A 96 1.95 30.49 -4.37
CA ALA A 96 0.70 31.25 -4.20
C ALA A 96 -0.17 31.13 -5.42
N ALA A 97 0.45 31.16 -6.59
CA ALA A 97 -0.33 31.03 -7.81
C ALA A 97 -0.90 29.62 -7.94
N ARG A 98 -0.12 28.60 -7.57
CA ARG A 98 -0.58 27.21 -7.67
C ARG A 98 -1.73 26.99 -6.69
N ASP A 99 -1.61 27.56 -5.51
CA ASP A 99 -2.60 27.39 -4.45
C ASP A 99 -3.95 27.96 -4.85
N LYS A 100 -3.91 29.08 -5.56
CA LYS A 100 -5.13 29.72 -6.04
C LYS A 100 -5.82 28.77 -7.00
N LYS A 101 -5.03 28.18 -7.88
CA LYS A 101 -5.56 27.25 -8.89
C LYS A 101 -6.10 25.97 -8.23
N LYS A 102 -5.41 25.51 -7.19
CA LYS A 102 -5.85 24.32 -6.47
C LYS A 102 -7.18 24.63 -5.79
N THR A 103 -7.28 25.80 -5.17
CA THR A 103 -8.56 26.21 -4.57
C THR A 103 -9.71 26.19 -5.56
N ALA A 104 -9.46 26.71 -6.75
CA ALA A 104 -10.44 26.65 -7.83
C ALA A 104 -10.77 25.22 -8.27
N ASP A 105 -9.74 24.39 -8.39
CA ASP A 105 -9.95 22.99 -8.77
C ASP A 105 -10.86 22.29 -7.74
N ALA A 107 -13.06 23.68 -5.79
CA ALA A 107 -14.37 24.26 -5.92
C ALA A 107 -15.11 23.67 -7.11
N ARG A 108 -14.35 23.44 -8.17
CA ARG A 108 -14.88 22.84 -9.38
C ARG A 108 -15.42 21.44 -9.06
N LEU A 109 -14.62 20.67 -8.33
CA LEU A 109 -15.02 19.32 -7.94
C LEU A 109 -16.23 19.34 -7.03
N VAL A 110 -16.30 20.31 -6.14
CA VAL A 110 -17.48 20.39 -5.25
C VAL A 110 -18.73 20.54 -6.09
N LYS A 111 -18.69 21.38 -7.11
CA LYS A 111 -19.86 21.61 -7.92
C LYS A 111 -20.18 20.41 -8.81
N LEU A 112 -19.15 19.74 -9.29
CA LEU A 112 -19.33 18.53 -10.06
C LEU A 112 -20.05 17.43 -9.26
N VAL A 113 -19.62 17.23 -8.04
CA VAL A 113 -20.17 16.21 -7.17
C VAL A 113 -21.61 16.58 -6.81
N GLU A 114 -21.84 17.86 -6.54
CA GLU A 114 -23.20 18.30 -6.22
C GLU A 114 -24.16 17.98 -7.36
N ARG A 115 -23.70 18.23 -8.57
CA ARG A 115 -24.47 17.93 -9.75
C ARG A 115 -24.79 16.43 -9.84
N ALA A 116 -23.78 15.61 -9.65
CA ALA A 116 -23.96 14.16 -9.73
C ALA A 116 -24.96 13.68 -8.68
N VAL A 117 -24.84 14.17 -7.44
CA VAL A 117 -25.80 13.82 -6.40
C VAL A 117 -27.24 14.16 -6.84
N SER A 118 -27.39 15.33 -7.43
CA SER A 118 -28.69 15.80 -7.82
C SER A 118 -29.27 14.95 -8.93
N GLU A 119 -28.43 14.30 -9.73
CA GLU A 119 -28.92 13.46 -10.85
C GLU A 119 -29.00 11.96 -10.52
N ASP A 120 -28.43 11.54 -9.39
CA ASP A 120 -28.28 10.10 -9.08
C ASP A 120 -29.67 9.50 -8.84
N PRO A 121 -30.14 8.58 -9.71
CA PRO A 121 -31.50 8.05 -9.55
C PRO A 121 -31.67 7.19 -8.29
N ARG A 122 -30.59 6.62 -7.79
CA ARG A 122 -30.65 5.81 -6.57
C ARG A 122 -30.94 6.69 -5.36
N ILE A 123 -30.30 7.86 -5.31
CA ILE A 123 -30.54 8.76 -4.20
C ILE A 123 -32.01 9.19 -4.13
N LYS A 124 -32.64 9.40 -5.28
CA LYS A 124 -34.06 9.74 -5.33
C LYS A 124 -34.89 8.61 -4.67
N PHE A 126 -33.70 6.32 -2.54
CA PHE A 126 -33.32 6.19 -1.15
C PHE A 126 -34.07 7.24 -0.33
N LYS A 127 -34.24 8.45 -0.87
CA LYS A 127 -34.90 9.49 -0.09
C LYS A 127 -36.39 9.18 0.06
N GLU A 128 -37.00 8.58 -0.96
CA GLU A 128 -38.37 8.12 -0.86
C GLU A 128 -38.55 7.04 0.23
N GLU A 129 -37.62 6.08 0.28
CA GLU A 129 -37.65 5.01 1.26
C GLU A 129 -37.52 5.60 2.67
N GLU A 130 -36.60 6.54 2.85
CA GLU A 130 -36.43 7.20 4.16
C GLU A 130 -37.65 7.98 4.60
N LYS A 131 -38.29 8.61 3.65
CA LYS A 131 -39.47 9.39 3.93
C LYS A 131 -40.58 8.47 4.48
N LYS A 132 -40.77 7.32 3.85
CA LYS A 132 -41.77 6.37 4.35
C LYS A 132 -41.39 5.79 5.71
N GLU A 133 -40.10 5.56 5.93
CA GLU A 133 -39.64 5.10 7.23
C GLU A 133 -40.01 6.12 8.30
N LYS A 134 -39.77 7.38 8.02
CA LYS A 134 -40.03 8.42 9.04
C LYS A 134 -41.52 8.50 9.31
N GLU A 135 -42.32 8.34 8.27
CA GLU A 135 -43.77 8.45 8.41
C GLU A 135 -44.31 7.32 9.27
N ARG A 136 -43.73 6.13 9.13
CA ARG A 136 -44.17 4.98 9.90
C ARG A 136 -43.80 5.15 11.36
N ARG A 137 -42.64 5.73 11.60
CA ARG A 137 -42.12 5.91 12.95
C ARG A 137 -42.94 6.91 13.78
N LYS A 138 -43.59 7.85 13.11
CA LYS A 138 -44.50 8.81 13.74
C LYS A 138 -43.87 9.57 14.91
N TRP A 139 -42.62 10.02 14.78
CA TRP A 139 -42.04 10.90 15.79
C TRP A 139 -42.39 12.36 15.54
N GLU A 140 -43.45 12.62 14.78
CA GLU A 140 -44.07 13.95 14.74
C GLU A 140 -45.44 13.91 14.07
N ASP B 5 26.96 -16.23 -8.10
CA ASP B 5 25.60 -15.87 -7.72
C ASP B 5 24.58 -16.80 -8.37
N PHE B 6 23.77 -17.40 -7.51
CA PHE B 6 22.80 -18.43 -7.87
C PHE B 6 21.63 -18.45 -6.89
N VAL B 7 21.72 -17.68 -5.82
CA VAL B 7 20.66 -17.62 -4.83
C VAL B 7 19.56 -16.74 -5.36
N ALA B 8 18.40 -17.34 -5.59
CA ALA B 8 17.26 -16.64 -6.18
C ALA B 8 16.48 -15.90 -5.12
N ASP B 9 16.71 -14.59 -5.03
CA ASP B 9 16.04 -13.73 -4.06
C ASP B 9 14.65 -13.31 -4.54
N VAL B 10 13.69 -13.35 -3.62
CA VAL B 10 12.31 -13.03 -3.87
C VAL B 10 11.96 -11.95 -2.83
N PRO B 11 12.07 -10.66 -3.21
CA PRO B 11 11.83 -9.60 -2.24
C PRO B 11 10.34 -9.48 -1.93
N PRO B 12 9.97 -9.06 -0.71
CA PRO B 12 8.56 -8.85 -0.41
C PRO B 12 8.03 -7.67 -1.22
N PRO B 13 6.70 -7.55 -1.37
CA PRO B 13 6.17 -6.44 -2.15
C PRO B 13 6.37 -5.13 -1.40
N LYS B 14 6.42 -4.00 -2.10
CA LYS B 14 6.63 -2.71 -1.45
C LYS B 14 5.45 -2.35 -0.58
N LYS B 15 5.71 -1.91 0.64
CA LYS B 15 4.66 -1.53 1.57
C LYS B 15 3.76 -0.44 0.98
N GLY B 16 2.45 -0.66 1.06
CA GLY B 16 1.48 0.34 0.64
C GLY B 16 1.00 0.17 -0.80
N THR B 17 1.63 -0.73 -1.55
CA THR B 17 1.15 -0.99 -2.90
C THR B 17 0.07 -2.03 -2.87
N ASP B 18 -0.48 -2.31 -4.05
CA ASP B 18 -1.63 -3.18 -4.16
C ASP B 18 -1.20 -4.60 -4.52
N TYR B 19 -1.51 -5.58 -3.67
CA TYR B 19 -1.16 -6.97 -3.95
C TYR B 19 -1.97 -7.92 -3.09
N ASP B 20 -2.09 -9.16 -3.54
CA ASP B 20 -2.78 -10.18 -2.80
C ASP B 20 -1.80 -10.78 -1.81
N PHE B 21 -2.23 -10.93 -0.55
CA PHE B 21 -1.35 -11.40 0.52
C PHE B 21 -0.71 -12.73 0.15
N TYR B 22 -1.52 -13.70 -0.28
CA TYR B 22 -0.99 -15.04 -0.56
C TYR B 22 -0.10 -15.09 -1.79
N GLU B 23 -0.51 -14.40 -2.84
CA GLU B 23 0.29 -14.33 -4.05
C GLU B 23 1.67 -13.73 -3.82
N ALA B 24 1.74 -12.69 -3.01
CA ALA B 24 2.98 -11.95 -2.79
C ALA B 24 3.89 -12.69 -1.81
N TRP B 25 3.33 -13.14 -0.69
CA TRP B 25 4.15 -13.69 0.38
C TRP B 25 4.50 -15.18 0.19
N GLY B 26 3.64 -15.92 -0.50
CA GLY B 26 3.84 -17.35 -0.71
C GLY B 26 5.24 -17.61 -1.28
N PRO B 27 5.58 -16.90 -2.36
CA PRO B 27 6.88 -17.19 -2.98
C PRO B 27 8.04 -16.71 -2.14
N VAL B 28 7.80 -15.68 -1.34
CA VAL B 28 8.85 -15.10 -0.52
C VAL B 28 9.28 -16.18 0.47
N PHE B 29 8.32 -16.79 1.17
CA PHE B 29 8.67 -17.84 2.14
C PHE B 29 9.19 -19.11 1.48
N GLU B 30 8.69 -19.45 0.29
CA GLU B 30 9.26 -20.60 -0.44
C GLU B 30 10.76 -20.41 -0.66
N ALA B 31 11.14 -19.21 -1.04
CA ALA B 31 12.52 -18.94 -1.37
C ALA B 31 13.36 -18.95 -0.12
N GLU B 32 12.86 -18.34 0.95
CA GLU B 32 13.63 -18.31 2.20
C GLU B 32 13.77 -19.71 2.78
N ALA B 33 12.77 -20.54 2.56
CA ALA B 33 12.75 -21.87 3.15
C ALA B 33 13.89 -22.79 2.65
N ARG B 34 14.48 -22.45 1.49
CA ARG B 34 15.59 -23.27 0.99
C ARG B 34 16.73 -23.35 1.96
N PHE B 35 16.87 -22.33 2.83
CA PHE B 35 17.97 -22.33 3.80
C PHE B 35 17.54 -22.85 5.17
N SER B 36 16.32 -23.34 5.26
CA SER B 36 15.86 -23.81 6.57
C SER B 36 16.58 -25.07 6.97
N LYS B 37 17.11 -25.07 8.19
CA LYS B 37 17.73 -26.29 8.75
C LYS B 37 16.70 -27.32 9.06
N LYS B 38 15.56 -26.84 9.50
CA LYS B 38 14.54 -27.71 9.98
C LYS B 38 13.59 -27.97 8.84
N THR B 39 13.21 -29.23 8.74
CA THR B 39 12.40 -29.75 7.67
C THR B 39 11.51 -30.74 8.39
N PRO B 40 10.29 -30.92 7.93
CA PRO B 40 9.70 -30.32 6.73
C PRO B 40 9.31 -28.85 6.95
N ILE B 41 8.85 -28.22 5.87
CA ILE B 41 8.56 -26.80 5.85
C ILE B 41 7.06 -26.65 5.64
N PRO B 42 6.41 -25.79 6.44
CA PRO B 42 4.96 -25.64 6.29
C PRO B 42 4.58 -24.64 5.21
N SER B 43 3.48 -24.93 4.54
CA SER B 43 2.97 -24.05 3.49
C SER B 43 2.30 -22.82 4.12
N LEU B 44 2.35 -21.69 3.42
CA LEU B 44 1.63 -20.48 3.86
C LEU B 44 0.12 -20.73 3.79
N GLY B 45 -0.32 -21.47 2.79
CA GLY B 45 -1.71 -21.85 2.63
C GLY B 45 -2.57 -20.82 1.92
N ASN B 46 -3.85 -20.78 2.32
CA ASN B 46 -4.85 -19.92 1.68
C ASN B 46 -5.89 -19.48 2.72
N ASP B 48 -8.71 -20.44 3.52
CA ASP B 48 -9.47 -21.49 4.17
C ASP B 48 -8.61 -22.33 5.10
N SER B 49 -7.35 -21.95 5.26
CA SER B 49 -6.46 -22.71 6.13
C SER B 49 -6.94 -22.68 7.58
N SER B 50 -6.78 -23.82 8.22
CA SER B 50 -7.04 -23.98 9.63
C SER B 50 -6.31 -22.97 10.49
N LYS B 51 -6.84 -22.67 11.66
CA LYS B 51 -6.14 -21.82 12.63
C LYS B 51 -4.88 -22.50 13.19
N LYS B 52 -4.99 -23.80 13.45
CA LYS B 52 -3.84 -24.55 13.89
C LYS B 52 -2.78 -24.54 12.80
N GLU B 53 -3.20 -24.61 11.54
CA GLU B 53 -2.27 -24.59 10.42
C GLU B 53 -1.53 -23.25 10.37
N VAL B 54 -2.28 -22.16 10.53
CA VAL B 54 -1.67 -20.83 10.53
C VAL B 54 -0.77 -20.68 11.72
N GLU B 55 -1.19 -21.22 12.85
CA GLU B 55 -0.37 -21.14 14.04
C GLU B 55 0.94 -21.93 13.84
N GLN B 56 0.84 -23.06 13.15
CA GLN B 56 2.00 -23.92 12.98
C GLN B 56 2.99 -23.26 12.02
N PHE B 57 2.45 -22.59 11.01
CA PHE B 57 3.27 -21.88 10.04
C PHE B 57 4.17 -20.83 10.69
N TYR B 58 3.57 -19.95 11.48
CA TYR B 58 4.34 -18.87 12.06
C TYR B 58 5.18 -19.36 13.22
N ALA B 59 4.76 -20.43 13.87
CA ALA B 59 5.59 -21.04 14.90
C ALA B 59 6.91 -21.47 14.26
N PHE B 60 6.82 -22.08 13.09
CA PHE B 60 7.99 -22.52 12.34
C PHE B 60 8.90 -21.35 11.99
N TRP B 61 8.30 -20.32 11.41
CA TRP B 61 9.09 -19.21 10.94
C TRP B 61 9.69 -18.43 12.09
N HIS B 62 9.01 -18.43 13.24
CA HIS B 62 9.54 -17.74 14.41
C HIS B 62 10.77 -18.52 14.96
N ARG B 63 10.80 -19.82 14.72
CA ARG B 63 11.89 -20.65 15.19
C ARG B 63 12.96 -20.87 14.10
N PHE B 64 12.91 -20.07 13.04
CA PHE B 64 13.71 -20.35 11.84
C PHE B 64 15.18 -20.39 12.18
N ASP B 65 15.88 -21.35 11.59
CA ASP B 65 17.31 -21.53 11.78
C ASP B 65 17.96 -21.85 10.41
N SER B 66 18.91 -21.02 9.97
CA SER B 66 19.48 -21.12 8.62
C SER B 66 20.70 -22.02 8.57
N TRP B 67 20.85 -22.80 7.51
CA TRP B 67 22.12 -23.55 7.36
C TRP B 67 23.16 -22.78 6.55
N ARG B 68 22.80 -21.58 6.08
CA ARG B 68 23.67 -20.80 5.19
C ARG B 68 24.96 -20.44 5.88
N THR B 69 26.08 -20.56 5.15
CA THR B 69 27.40 -20.26 5.67
C THR B 69 28.06 -19.02 5.00
N PHE B 70 27.68 -18.73 3.76
CA PHE B 70 28.29 -17.66 2.96
C PHE B 70 29.76 -17.88 2.69
N GLU B 71 30.23 -19.12 2.81
CA GLU B 71 31.65 -19.38 2.69
C GLU B 71 32.03 -19.71 1.25
N PHE B 72 33.22 -19.24 0.89
CA PHE B 72 33.81 -19.46 -0.43
CA PHE B 72 33.77 -19.52 -0.44
C PHE B 72 35.09 -20.24 -0.30
N LEU B 73 35.29 -21.23 -1.15
CA LEU B 73 36.54 -21.96 -1.13
C LEU B 73 36.85 -22.51 -2.52
N ASP B 74 37.91 -22.00 -3.15
CA ASP B 74 38.28 -22.46 -4.50
C ASP B 74 39.65 -23.10 -4.42
N GLU B 75 39.64 -24.42 -4.37
CA GLU B 75 40.84 -25.22 -4.10
C GLU B 75 41.90 -25.00 -5.14
N ASP B 76 41.44 -24.63 -6.34
CA ASP B 76 42.31 -24.49 -7.49
C ASP B 76 43.02 -23.15 -7.57
N VAL B 77 42.60 -22.18 -6.76
CA VAL B 77 43.24 -20.86 -6.76
C VAL B 77 44.40 -20.89 -5.79
N PRO B 78 45.65 -20.73 -6.27
CA PRO B 78 46.76 -20.78 -5.31
C PRO B 78 46.70 -19.60 -4.34
N ASP B 79 47.19 -19.82 -3.13
CA ASP B 79 47.40 -18.71 -2.21
C ASP B 79 48.41 -17.77 -2.89
N ASP B 80 48.23 -16.47 -2.68
CA ASP B 80 49.08 -15.44 -3.29
C ASP B 80 50.50 -15.44 -2.73
N SER B 81 50.65 -15.98 -1.52
CA SER B 81 51.96 -16.20 -0.91
C SER B 81 51.92 -17.38 0.01
N SER B 82 53.08 -17.79 0.50
CA SER B 82 53.18 -18.83 1.52
C SER B 82 53.34 -18.19 2.90
N ASN B 83 53.04 -16.90 3.01
CA ASN B 83 53.11 -16.21 4.28
C ASN B 83 51.96 -16.56 5.21
N ARG B 84 52.25 -17.32 6.28
CA ARG B 84 51.20 -17.87 7.15
C ARG B 84 50.52 -16.78 7.98
N ASP B 85 51.26 -15.72 8.27
CA ASP B 85 50.67 -14.55 8.93
C ASP B 85 49.62 -13.87 8.06
N HIS B 86 49.87 -13.78 6.76
CA HIS B 86 48.90 -13.14 5.86
C HIS B 86 47.65 -14.05 5.81
N LYS B 87 47.91 -15.34 5.62
CA LYS B 87 46.82 -16.33 5.56
C LYS B 87 45.90 -16.22 6.77
N ARG B 88 46.49 -16.07 7.95
CA ARG B 88 45.69 -15.97 9.18
C ARG B 88 44.86 -14.67 9.15
N TYR B 89 45.47 -13.60 8.65
CA TYR B 89 44.77 -12.32 8.54
C TYR B 89 43.55 -12.50 7.63
N ILE B 90 43.76 -13.11 6.48
CA ILE B 90 42.66 -13.27 5.54
C ILE B 90 41.56 -14.14 6.10
N GLU B 91 41.95 -15.22 6.77
CA GLU B 91 40.94 -16.14 7.31
C GLU B 91 40.11 -15.46 8.39
N ARG B 92 40.76 -14.61 9.19
CA ARG B 92 40.05 -13.93 10.27
C ARG B 92 39.12 -12.87 9.65
N LYS B 93 39.59 -12.16 8.64
CA LYS B 93 38.75 -11.23 7.93
C LYS B 93 37.53 -11.92 7.31
N ASN B 94 37.77 -13.01 6.59
CA ASN B 94 36.66 -13.75 5.97
C ASN B 94 35.64 -14.22 7.00
N LYS B 95 36.12 -14.75 8.12
CA LYS B 95 35.21 -15.25 9.14
C LYS B 95 34.34 -14.10 9.66
N ALA B 96 34.95 -12.96 9.93
CA ALA B 96 34.19 -11.81 10.41
C ALA B 96 33.15 -11.41 9.40
N ALA B 97 33.51 -11.44 8.12
CA ALA B 97 32.57 -11.09 7.07
C ALA B 97 31.38 -12.07 7.04
N ARG B 98 31.65 -13.37 7.17
CA ARG B 98 30.57 -14.36 7.12
C ARG B 98 29.62 -14.17 8.31
N ASP B 99 30.20 -13.93 9.47
CA ASP B 99 29.44 -13.71 10.69
C ASP B 99 28.50 -12.52 10.57
N LYS B 100 29.00 -11.46 9.96
CA LYS B 100 28.17 -10.26 9.76
C LYS B 100 27.02 -10.55 8.81
N LYS B 101 27.28 -11.29 7.75
CA LYS B 101 26.22 -11.66 6.81
C LYS B 101 25.14 -12.52 7.50
N LYS B 102 25.56 -13.47 8.33
CA LYS B 102 24.63 -14.35 9.00
C LYS B 102 23.79 -13.56 9.96
N THR B 103 24.41 -12.66 10.70
CA THR B 103 23.66 -11.87 11.66
C THR B 103 22.63 -10.97 10.96
N ALA B 104 23.03 -10.35 9.86
CA ALA B 104 22.11 -9.49 9.09
C ALA B 104 21.02 -10.30 8.41
N ASP B 105 21.38 -11.48 7.95
CA ASP B 105 20.40 -12.35 7.31
C ASP B 105 19.31 -12.72 8.30
N ALA B 107 18.46 -11.05 11.01
CA ALA B 107 17.67 -9.85 11.34
C ALA B 107 16.65 -9.52 10.24
N ARG B 108 17.09 -9.65 8.99
CA ARG B 108 16.21 -9.45 7.84
C ARG B 108 14.99 -10.39 7.90
N LEU B 109 15.26 -11.66 8.14
CA LEU B 109 14.20 -12.65 8.24
C LEU B 109 13.20 -12.35 9.32
N VAL B 110 13.70 -12.02 10.51
CA VAL B 110 12.80 -11.68 11.59
C VAL B 110 11.84 -10.55 11.17
N LYS B 111 12.36 -9.51 10.50
CA LYS B 111 11.51 -8.39 10.04
C LYS B 111 10.49 -8.83 9.01
N LEU B 112 10.89 -9.72 8.12
CA LEU B 112 9.99 -10.26 7.09
C LEU B 112 8.83 -10.96 7.74
N VAL B 113 9.12 -11.77 8.76
CA VAL B 113 8.10 -12.58 9.41
C VAL B 113 7.14 -11.66 10.18
N GLU B 114 7.75 -10.70 10.86
CA GLU B 114 7.00 -9.67 11.58
C GLU B 114 6.04 -8.94 10.63
N ARG B 115 6.56 -8.51 9.48
CA ARG B 115 5.71 -7.87 8.51
C ARG B 115 4.56 -8.78 8.02
N ALA B 116 4.89 -10.02 7.71
CA ALA B 116 3.88 -10.97 7.20
C ALA B 116 2.78 -11.22 8.22
N VAL B 117 3.17 -11.42 9.47
CA VAL B 117 2.23 -11.64 10.55
C VAL B 117 1.24 -10.45 10.62
N SER B 118 1.77 -9.26 10.43
CA SER B 118 0.99 -8.04 10.59
C SER B 118 0.03 -7.83 9.42
N GLU B 119 0.28 -8.53 8.32
CA GLU B 119 -0.53 -8.36 7.10
C GLU B 119 -1.51 -9.52 6.92
N ASP B 120 -1.27 -10.64 7.58
CA ASP B 120 -2.02 -11.86 7.30
C ASP B 120 -3.53 -11.68 7.66
N PRO B 121 -4.44 -11.82 6.68
CA PRO B 121 -5.85 -11.53 6.99
C PRO B 121 -6.45 -12.52 7.96
N ARG B 122 -5.93 -13.74 7.95
CA ARG B 122 -6.49 -14.78 8.81
C ARG B 122 -6.19 -14.47 10.25
N ILE B 123 -4.97 -13.99 10.48
CA ILE B 123 -4.59 -13.61 11.81
C ILE B 123 -5.52 -12.52 12.35
N LYS B 124 -5.86 -11.55 11.52
CA LYS B 124 -6.79 -10.50 11.93
C LYS B 124 -8.13 -11.08 12.35
N PHE B 126 -8.80 -14.26 13.19
CA PHE B 126 -8.66 -15.10 14.35
C PHE B 126 -8.62 -14.25 15.62
N LYS B 127 -7.92 -13.13 15.55
CA LYS B 127 -7.81 -12.26 16.69
C LYS B 127 -9.20 -11.73 17.04
N GLU B 128 -9.96 -11.38 16.02
CA GLU B 128 -11.29 -10.82 16.26
C GLU B 128 -12.19 -11.84 16.96
N GLU B 129 -12.18 -13.08 16.50
CA GLU B 129 -12.97 -14.11 17.15
C GLU B 129 -12.50 -14.34 18.56
N GLU B 130 -11.19 -14.27 18.80
CA GLU B 130 -10.70 -14.46 20.15
C GLU B 130 -11.21 -13.36 21.07
N LYS B 131 -11.21 -12.13 20.58
CA LYS B 131 -11.76 -11.02 21.34
C LYS B 131 -13.23 -11.27 21.67
N LYS B 132 -14.00 -11.75 20.72
CA LYS B 132 -15.42 -12.00 21.01
C LYS B 132 -15.62 -13.15 21.99
N GLU B 133 -14.79 -14.18 21.91
CA GLU B 133 -14.89 -15.28 22.84
C GLU B 133 -14.60 -14.76 24.24
N LYS B 134 -13.59 -13.90 24.37
CA LYS B 134 -13.20 -13.40 25.69
C LYS B 134 -14.30 -12.52 26.28
N GLU B 135 -14.92 -11.69 25.43
CA GLU B 135 -16.05 -10.87 25.86
C GLU B 135 -17.20 -11.71 26.38
N ARG B 136 -17.55 -12.79 25.67
CA ARG B 136 -18.61 -13.68 26.13
C ARG B 136 -18.26 -14.36 27.44
N ARG B 137 -16.98 -14.64 27.64
CA ARG B 137 -16.56 -15.34 28.83
C ARG B 137 -16.56 -14.43 30.07
N LYS B 138 -16.27 -13.14 29.89
CA LYS B 138 -16.34 -12.12 30.96
C LYS B 138 -15.35 -12.24 32.13
N TRP B 139 -14.16 -12.78 31.86
CA TRP B 139 -13.10 -12.86 32.89
C TRP B 139 -12.15 -11.66 32.86
N GLU B 140 -12.21 -10.90 31.77
CA GLU B 140 -11.30 -9.77 31.59
C GLU B 140 -11.90 -8.52 32.22
#